data_5LXV
#
_entry.id   5LXV
#
_cell.length_a   59.590
_cell.length_b   66.730
_cell.length_c   109.600
_cell.angle_alpha   90.000
_cell.angle_beta   90.000
_cell.angle_gamma   90.000
#
_symmetry.space_group_name_H-M   'P 21 21 21'
#
loop_
_entity.id
_entity.type
_entity.pdbx_description
1 polymer 'Scaffoldin C'
2 polymer 'Carbohydrate-binding protein WP_009985128'
3 non-polymer 'CALCIUM ION'
4 water water
#
loop_
_entity_poly.entity_id
_entity_poly.type
_entity_poly.pdbx_seq_one_letter_code
_entity_poly.pdbx_strand_id
1 'polypeptide(L)'
;MAGETVQISASNAEAKAGDQFEVKVSLADVPSTGIQGIDFAVTYDNTVVTIDKITVGEIADTKAASSDQTASLLPTFDVS
IQNSEGYSSVIWSTAVEDSSYWISKDGVLCTITGTVSSNAKPGAESPIKLEAVKRETYVGSGTDNSSISAGYSANDKAVK
YTVKATNGKISVPSAEVLE
;
A,C
2 'polypeptide(L)'
;MGSSHHHHHHSSGLVPRGSHMASVYGDLDGDGEVDVFDLILMRKAVENGDTERFEAADLNCDGVIDSDDLTYHSEYLHGI
RKTLPVEY
;
B,D
#
loop_
_chem_comp.id
_chem_comp.type
_chem_comp.name
_chem_comp.formula
CA non-polymer 'CALCIUM ION' 'Ca 2'
#
# COMPACT_ATOMS: atom_id res chain seq x y z
N GLU A 4 6.45 -0.49 0.71
CA GLU A 4 6.66 -1.85 1.30
C GLU A 4 5.35 -2.65 1.43
N THR A 5 5.51 -3.93 1.73
CA THR A 5 4.44 -4.90 1.59
C THR A 5 4.58 -6.03 2.60
N VAL A 6 3.45 -6.62 2.97
CA VAL A 6 3.46 -7.73 3.89
C VAL A 6 2.39 -8.78 3.55
N GLN A 7 2.71 -10.05 3.82
CA GLN A 7 1.81 -11.15 3.53
C GLN A 7 1.08 -11.61 4.79
N ILE A 8 -0.21 -11.90 4.64
CA ILE A 8 -1.02 -12.43 5.72
C ILE A 8 -1.79 -13.64 5.20
N SER A 9 -1.89 -14.69 6.01
CA SER A 9 -2.48 -15.93 5.54
C SER A 9 -3.15 -16.74 6.65
N ALA A 10 -4.18 -17.50 6.26
CA ALA A 10 -4.91 -18.37 7.17
C ALA A 10 -4.70 -19.84 6.78
N SER A 11 -4.42 -20.68 7.77
CA SER A 11 -4.20 -22.11 7.54
C SER A 11 -5.52 -22.85 7.29
N ASN A 12 -5.40 -24.12 6.92
CA ASN A 12 -6.56 -24.98 6.68
C ASN A 12 -6.75 -25.98 7.81
N ALA A 13 -7.98 -26.43 8.00
CA ALA A 13 -8.29 -27.37 9.07
C ALA A 13 -9.37 -28.36 8.62
N GLU A 14 -9.36 -29.52 9.27
CA GLU A 14 -10.39 -30.53 9.08
C GLU A 14 -10.95 -30.92 10.43
N ALA A 15 -12.27 -31.00 10.52
CA ALA A 15 -12.93 -31.38 11.75
C ALA A 15 -14.31 -31.95 11.45
N LYS A 16 -14.76 -32.87 12.30
CA LYS A 16 -16.10 -33.45 12.17
C LYS A 16 -17.15 -32.42 12.54
N ALA A 17 -18.40 -32.70 12.17
CA ALA A 17 -19.53 -31.89 12.60
C ALA A 17 -19.59 -31.85 14.12
N GLY A 18 -19.75 -30.66 14.67
CA GLY A 18 -19.83 -30.47 16.12
C GLY A 18 -18.50 -30.35 16.85
N ASP A 19 -17.38 -30.60 16.15
CA ASP A 19 -16.06 -30.52 16.75
C ASP A 19 -15.47 -29.13 16.60
N GLN A 20 -14.47 -28.84 17.41
CA GLN A 20 -13.72 -27.61 17.30
C GLN A 20 -12.53 -27.77 16.34
N PHE A 21 -12.08 -26.65 15.80
CA PHE A 21 -10.93 -26.62 14.89
C PHE A 21 -10.08 -25.39 15.19
N GLU A 22 -8.84 -25.41 14.74
CA GLU A 22 -7.94 -24.26 14.88
C GLU A 22 -7.46 -23.78 13.52
N VAL A 23 -7.32 -22.47 13.41
CA VAL A 23 -6.73 -21.84 12.23
C VAL A 23 -5.71 -20.82 12.71
N LYS A 24 -4.48 -20.93 12.20
CA LYS A 24 -3.43 -19.98 12.49
C LYS A 24 -3.45 -18.87 11.46
N VAL A 25 -3.39 -17.62 11.92
CA VAL A 25 -3.20 -16.48 11.04
C VAL A 25 -1.75 -16.05 11.19
N SER A 26 -1.02 -16.02 10.07
CA SER A 26 0.41 -15.73 10.08
C SER A 26 0.74 -14.52 9.25
N LEU A 27 1.80 -13.82 9.66
CA LEU A 27 2.41 -12.78 8.84
C LEU A 27 3.75 -13.26 8.29
N ALA A 28 4.03 -12.93 7.04
CA ALA A 28 5.34 -13.17 6.43
C ALA A 28 5.82 -11.89 5.74
N ASP A 29 7.13 -11.76 5.59
CA ASP A 29 7.78 -10.55 5.06
C ASP A 29 7.38 -9.26 5.79
N VAL A 30 7.40 -9.32 7.12
CA VAL A 30 7.18 -8.13 7.93
C VAL A 30 8.37 -7.19 7.73
N PRO A 31 8.13 -5.96 7.23
CA PRO A 31 9.23 -5.03 7.03
C PRO A 31 10.03 -4.73 8.31
N SER A 32 11.33 -4.44 8.14
CA SER A 32 12.21 -4.20 9.28
C SER A 32 11.80 -2.96 10.10
N THR A 33 11.09 -2.04 9.46
CA THR A 33 10.52 -0.87 10.13
C THR A 33 9.34 -1.21 11.06
N GLY A 34 8.67 -2.34 10.83
CA GLY A 34 7.70 -2.89 11.79
C GLY A 34 6.25 -2.47 11.58
N ILE A 35 5.37 -3.06 12.38
CA ILE A 35 3.93 -2.82 12.29
C ILE A 35 3.42 -2.31 13.63
N GLN A 36 3.03 -1.04 13.66
CA GLN A 36 2.48 -0.41 14.85
C GLN A 36 0.95 -0.57 14.93
N GLY A 37 0.33 -0.78 13.77
CA GLY A 37 -1.12 -0.95 13.70
C GLY A 37 -1.49 -1.89 12.57
N ILE A 38 -2.43 -2.80 12.85
CA ILE A 38 -2.93 -3.74 11.84
C ILE A 38 -4.41 -4.03 12.09
N ASP A 39 -5.18 -4.10 11.01
CA ASP A 39 -6.63 -4.24 11.07
C ASP A 39 -7.13 -5.09 9.91
N PHE A 40 -7.80 -6.21 10.23
CA PHE A 40 -8.38 -7.08 9.22
C PHE A 40 -9.61 -7.82 9.75
N ALA A 41 -10.44 -8.31 8.83
CA ALA A 41 -11.61 -9.11 9.16
C ALA A 41 -11.43 -10.55 8.70
N VAL A 42 -12.00 -11.47 9.47
CA VAL A 42 -12.10 -12.88 9.08
C VAL A 42 -13.56 -13.15 8.75
N THR A 43 -13.83 -13.54 7.51
CA THR A 43 -15.20 -13.79 7.04
CA THR A 43 -15.21 -13.79 7.06
C THR A 43 -15.43 -15.27 6.77
N TYR A 44 -16.65 -15.73 7.02
CA TYR A 44 -17.00 -17.16 6.95
C TYR A 44 -18.50 -17.39 6.79
N ASP A 45 -18.90 -18.63 6.53
CA ASP A 45 -20.30 -19.02 6.41
C ASP A 45 -20.78 -19.55 7.76
N ASN A 46 -21.63 -18.78 8.43
CA ASN A 46 -22.08 -19.14 9.79
C ASN A 46 -23.04 -20.34 9.89
N THR A 47 -23.52 -20.86 8.76
CA THR A 47 -24.27 -22.11 8.76
C THR A 47 -23.36 -23.33 8.86
N VAL A 48 -22.05 -23.13 8.65
CA VAL A 48 -21.07 -24.20 8.72
C VAL A 48 -20.12 -24.03 9.91
N VAL A 49 -19.58 -22.83 10.11
CA VAL A 49 -18.67 -22.57 11.22
C VAL A 49 -19.00 -21.31 12.00
N THR A 50 -18.60 -21.30 13.26
CA THR A 50 -18.67 -20.10 14.09
C THR A 50 -17.36 -20.01 14.85
N ILE A 51 -16.93 -18.79 15.16
CA ILE A 51 -15.69 -18.57 15.91
C ILE A 51 -15.99 -18.45 17.40
N ASP A 52 -15.26 -19.21 18.21
CA ASP A 52 -15.44 -19.23 19.66
C ASP A 52 -14.51 -18.25 20.35
N LYS A 53 -13.26 -18.15 19.87
CA LYS A 53 -12.31 -17.18 20.38
C LYS A 53 -11.17 -16.94 19.40
N ILE A 54 -10.47 -15.83 19.60
CA ILE A 54 -9.25 -15.53 18.86
C ILE A 54 -8.20 -15.06 19.86
N THR A 55 -7.08 -15.77 19.90
CA THR A 55 -6.04 -15.52 20.90
C THR A 55 -4.82 -14.90 20.25
N VAL A 56 -4.17 -13.97 20.97
CA VAL A 56 -2.96 -13.30 20.48
C VAL A 56 -1.83 -14.29 20.20
N GLY A 57 -1.09 -14.04 19.12
CA GLY A 57 0.01 -14.91 18.70
C GLY A 57 1.37 -14.40 19.15
N GLU A 58 2.38 -15.25 18.98
CA GLU A 58 3.77 -14.99 19.43
C GLU A 58 4.31 -13.64 18.97
N ILE A 59 4.09 -13.27 17.71
CA ILE A 59 4.69 -12.07 17.14
C ILE A 59 4.04 -10.76 17.61
N ALA A 60 2.81 -10.86 18.12
CA ALA A 60 2.10 -9.71 18.67
C ALA A 60 2.18 -9.67 20.20
N ASP A 61 2.83 -10.66 20.81
CA ASP A 61 2.94 -10.75 22.26
C ASP A 61 4.18 -9.98 22.72
N THR A 62 4.10 -8.65 22.63
CA THR A 62 5.23 -7.78 22.94
C THR A 62 4.95 -7.02 24.25
N LYS A 63 5.89 -6.16 24.66
CA LYS A 63 5.75 -5.35 25.87
C LYS A 63 4.66 -4.27 25.75
N ALA A 64 4.24 -3.97 24.52
CA ALA A 64 3.20 -2.97 24.28
C ALA A 64 1.91 -3.23 25.07
N ALA A 65 1.52 -4.51 25.16
CA ALA A 65 0.28 -4.88 25.84
C ALA A 65 0.24 -4.50 27.32
N SER A 66 1.41 -4.51 27.98
CA SER A 66 1.49 -4.22 29.41
C SER A 66 2.08 -2.84 29.74
N SER A 67 2.69 -2.16 28.77
CA SER A 67 3.31 -0.85 29.01
C SER A 67 2.59 0.35 28.40
N ASP A 68 1.74 0.12 27.39
CA ASP A 68 0.99 1.21 26.77
C ASP A 68 -0.09 1.69 27.75
N GLN A 69 -0.10 2.98 28.04
CA GLN A 69 -1.02 3.56 29.03
C GLN A 69 -2.48 3.25 28.76
N THR A 70 -2.89 3.34 27.49
CA THR A 70 -4.29 3.14 27.10
C THR A 70 -4.69 1.67 26.93
N ALA A 71 -3.75 0.75 27.16
CA ALA A 71 -4.04 -0.68 27.05
C ALA A 71 -5.15 -1.13 28.00
N SER A 72 -5.22 -0.53 29.17
CA SER A 72 -6.25 -0.85 30.17
C SER A 72 -7.62 -0.27 29.82
N LEU A 73 -7.65 0.77 28.99
CA LEU A 73 -8.89 1.36 28.50
C LEU A 73 -9.37 0.63 27.24
N LEU A 74 -8.42 0.25 26.38
CA LEU A 74 -8.72 -0.52 25.16
C LEU A 74 -7.55 -1.47 24.88
N PRO A 75 -7.78 -2.79 24.96
CA PRO A 75 -6.66 -3.73 24.82
C PRO A 75 -5.92 -3.62 23.51
N THR A 76 -4.61 -3.83 23.56
CA THR A 76 -3.75 -3.77 22.39
C THR A 76 -4.25 -4.72 21.32
N PHE A 77 -4.38 -6.00 21.67
CA PHE A 77 -4.99 -6.98 20.80
C PHE A 77 -6.49 -6.93 21.04
N ASP A 78 -7.23 -6.37 20.09
CA ASP A 78 -8.65 -6.08 20.25
C ASP A 78 -9.50 -6.81 19.22
N VAL A 79 -10.38 -7.68 19.71
CA VAL A 79 -11.14 -8.60 18.88
C VAL A 79 -12.64 -8.32 19.04
N SER A 80 -13.37 -8.44 17.94
CA SER A 80 -14.83 -8.36 17.96
C SER A 80 -15.41 -9.48 17.10
N ILE A 81 -15.98 -10.48 17.76
CA ILE A 81 -16.59 -11.63 17.07
C ILE A 81 -18.04 -11.34 16.74
N GLN A 82 -18.39 -11.41 15.45
CA GLN A 82 -19.74 -11.10 14.97
C GLN A 82 -20.30 -12.28 14.18
N ASN A 83 -20.52 -13.40 14.86
CA ASN A 83 -20.93 -14.64 14.19
C ASN A 83 -22.24 -14.53 13.39
N SER A 84 -23.23 -13.82 13.93
CA SER A 84 -24.51 -13.63 13.23
C SER A 84 -24.37 -12.80 11.96
N GLU A 85 -23.33 -11.97 11.90
CA GLU A 85 -23.01 -11.17 10.71
C GLU A 85 -21.99 -11.86 9.80
N GLY A 86 -21.50 -13.03 10.20
CA GLY A 86 -20.60 -13.82 9.38
C GLY A 86 -19.17 -13.32 9.31
N TYR A 87 -18.70 -12.65 10.36
CA TYR A 87 -17.31 -12.18 10.40
C TYR A 87 -16.82 -11.92 11.82
N SER A 88 -15.49 -11.89 11.95
CA SER A 88 -14.84 -11.45 13.18
C SER A 88 -13.75 -10.45 12.82
N SER A 89 -13.66 -9.37 13.58
CA SER A 89 -12.72 -8.28 13.29
C SER A 89 -11.55 -8.26 14.28
N VAL A 90 -10.33 -8.17 13.76
CA VAL A 90 -9.12 -8.20 14.59
C VAL A 90 -8.29 -6.93 14.38
N ILE A 91 -8.08 -6.19 15.47
CA ILE A 91 -7.25 -4.99 15.44
C ILE A 91 -6.15 -5.11 16.49
N TRP A 92 -4.91 -4.82 16.08
CA TRP A 92 -3.79 -4.68 17.02
C TRP A 92 -3.20 -3.29 16.78
N SER A 93 -3.06 -2.51 17.85
CA SER A 93 -2.50 -1.16 17.74
C SER A 93 -1.85 -0.72 19.04
N THR A 94 -0.93 0.24 18.94
CA THR A 94 -0.25 0.79 20.11
C THR A 94 0.22 2.21 19.87
N ALA A 95 0.22 3.01 20.93
CA ALA A 95 0.69 4.40 20.87
C ALA A 95 2.17 4.51 21.23
N VAL A 96 2.77 3.41 21.70
CA VAL A 96 4.18 3.42 22.08
C VAL A 96 5.02 3.73 20.84
N GLU A 97 5.97 4.64 21.00
CA GLU A 97 6.81 5.11 19.90
C GLU A 97 7.99 4.16 19.63
N ASP A 98 8.51 3.54 20.69
CA ASP A 98 9.63 2.60 20.60
C ASP A 98 9.28 1.43 19.68
N SER A 99 9.94 1.38 18.52
CA SER A 99 9.66 0.38 17.49
C SER A 99 9.92 -1.06 17.92
N SER A 100 10.77 -1.25 18.94
CA SER A 100 11.05 -2.58 19.48
C SER A 100 9.84 -3.20 20.20
N TYR A 101 8.83 -2.39 20.51
CA TYR A 101 7.60 -2.88 21.12
C TYR A 101 6.51 -3.18 20.06
N TRP A 102 6.79 -2.88 18.80
CA TRP A 102 5.85 -3.14 17.70
C TRP A 102 5.95 -4.59 17.23
N ILE A 103 5.03 -5.00 16.35
CA ILE A 103 5.12 -6.28 15.66
C ILE A 103 6.26 -6.19 14.65
N SER A 104 7.25 -7.08 14.76
CA SER A 104 8.48 -6.98 13.95
C SER A 104 9.04 -8.28 13.36
N LYS A 105 8.45 -9.44 13.69
CA LYS A 105 8.93 -10.72 13.14
C LYS A 105 7.84 -11.48 12.42
N ASP A 106 8.26 -12.36 11.52
CA ASP A 106 7.34 -13.28 10.83
C ASP A 106 6.92 -14.40 11.77
N GLY A 107 5.67 -14.83 11.65
CA GLY A 107 5.15 -15.91 12.47
C GLY A 107 3.65 -15.80 12.74
N VAL A 108 3.21 -16.46 13.80
CA VAL A 108 1.79 -16.53 14.15
C VAL A 108 1.33 -15.20 14.74
N LEU A 109 0.41 -14.55 14.04
CA LEU A 109 -0.21 -13.30 14.53
C LEU A 109 -1.30 -13.58 15.56
N CYS A 110 -2.15 -14.56 15.28
CA CYS A 110 -3.20 -14.97 16.20
C CYS A 110 -3.76 -16.34 15.84
N THR A 111 -4.42 -16.98 16.79
CA THR A 111 -5.01 -18.30 16.58
C THR A 111 -6.52 -18.23 16.74
N ILE A 112 -7.24 -18.69 15.72
CA ILE A 112 -8.69 -18.74 15.72
C ILE A 112 -9.14 -20.13 16.17
N THR A 113 -10.09 -20.17 17.11
CA THR A 113 -10.72 -21.43 17.52
C THR A 113 -12.21 -21.31 17.22
N GLY A 114 -12.73 -22.28 16.48
CA GLY A 114 -14.13 -22.26 16.07
C GLY A 114 -14.77 -23.62 16.23
N THR A 115 -16.04 -23.69 15.85
CA THR A 115 -16.84 -24.90 15.99
C THR A 115 -17.60 -25.17 14.71
N VAL A 116 -17.49 -26.38 14.19
CA VAL A 116 -18.24 -26.79 13.01
C VAL A 116 -19.67 -27.11 13.44
N SER A 117 -20.63 -26.68 12.63
CA SER A 117 -22.05 -26.91 12.90
C SER A 117 -22.36 -28.39 13.13
N SER A 118 -23.29 -28.66 14.05
CA SER A 118 -23.77 -30.02 14.30
C SER A 118 -24.50 -30.59 13.09
N ASN A 119 -25.10 -29.72 12.28
CA ASN A 119 -25.85 -30.14 11.09
C ASN A 119 -24.96 -30.42 9.90
N ALA A 120 -23.73 -29.87 9.91
CA ALA A 120 -22.82 -29.98 8.78
C ALA A 120 -22.71 -31.42 8.28
N LYS A 121 -23.03 -31.61 7.00
CA LYS A 121 -22.97 -32.92 6.38
C LYS A 121 -21.55 -33.22 5.95
N PRO A 122 -21.20 -34.51 5.83
CA PRO A 122 -19.86 -34.89 5.36
C PRO A 122 -19.47 -34.23 4.04
N GLY A 123 -18.19 -33.92 3.88
CA GLY A 123 -17.68 -33.32 2.65
C GLY A 123 -17.81 -31.81 2.55
N ALA A 124 -18.73 -31.23 3.32
CA ALA A 124 -19.02 -29.80 3.27
C ALA A 124 -17.78 -28.96 3.56
N GLU A 125 -17.82 -27.71 3.11
CA GLU A 125 -16.67 -26.82 3.20
C GLU A 125 -17.08 -25.40 3.50
N SER A 126 -16.09 -24.59 3.89
CA SER A 126 -16.30 -23.17 4.12
C SER A 126 -14.96 -22.44 4.04
N PRO A 127 -14.87 -21.38 3.22
CA PRO A 127 -13.63 -20.61 3.21
C PRO A 127 -13.49 -19.77 4.48
N ILE A 128 -12.25 -19.57 4.93
CA ILE A 128 -11.94 -18.64 6.00
C ILE A 128 -11.16 -17.52 5.34
N LYS A 129 -11.84 -16.44 4.99
CA LYS A 129 -11.24 -15.37 4.18
C LYS A 129 -10.70 -14.25 5.05
N LEU A 130 -9.56 -13.70 4.62
CA LEU A 130 -8.98 -12.52 5.26
C LEU A 130 -9.16 -11.33 4.35
N GLU A 131 -9.89 -10.33 4.83
CA GLU A 131 -10.21 -9.15 4.02
C GLU A 131 -10.58 -7.95 4.89
N ALA A 132 -10.80 -6.81 4.25
CA ALA A 132 -11.14 -5.57 4.95
C ALA A 132 -12.49 -5.68 5.66
N VAL A 133 -12.58 -5.07 6.84
CA VAL A 133 -13.86 -4.96 7.54
C VAL A 133 -14.81 -4.18 6.65
N LYS A 134 -16.05 -4.68 6.53
CA LYS A 134 -17.07 -3.97 5.78
C LYS A 134 -17.53 -2.74 6.56
N ARG A 135 -16.97 -1.59 6.19
CA ARG A 135 -17.33 -0.30 6.77
C ARG A 135 -17.02 0.79 5.75
N GLU A 136 -17.59 1.97 5.95
CA GLU A 136 -17.33 3.09 5.05
C GLU A 136 -15.94 3.68 5.29
N THR A 137 -15.32 4.19 4.24
CA THR A 137 -14.01 4.84 4.34
C THR A 137 -14.06 6.01 5.33
N TYR A 138 -15.13 6.78 5.24
CA TYR A 138 -15.50 7.73 6.29
C TYR A 138 -17.03 7.79 6.36
N VAL A 139 -17.56 8.36 7.43
CA VAL A 139 -19.01 8.35 7.67
C VAL A 139 -19.75 9.16 6.59
N GLY A 140 -20.65 8.48 5.88
CA GLY A 140 -21.43 9.10 4.82
C GLY A 140 -20.73 9.14 3.46
N SER A 141 -19.62 8.40 3.31
CA SER A 141 -18.89 8.37 2.05
C SER A 141 -19.63 7.59 0.97
N GLY A 142 -20.34 6.55 1.37
CA GLY A 142 -21.03 5.67 0.44
C GLY A 142 -20.09 4.76 -0.34
N THR A 143 -18.90 4.52 0.23
CA THR A 143 -17.93 3.62 -0.38
C THR A 143 -17.19 2.88 0.73
N ASP A 144 -16.98 1.58 0.51
CA ASP A 144 -16.45 0.73 1.56
C ASP A 144 -14.93 0.71 1.61
N ASN A 145 -14.41 0.44 2.80
CA ASN A 145 -13.00 0.17 3.03
C ASN A 145 -12.64 -1.07 2.22
N SER A 146 -11.60 -0.97 1.39
CA SER A 146 -11.30 -2.00 0.39
C SER A 146 -10.03 -2.82 0.64
N SER A 147 -9.17 -2.38 1.56
CA SER A 147 -7.93 -3.09 1.84
C SER A 147 -7.72 -3.37 3.34
N ILE A 148 -6.94 -4.41 3.62
CA ILE A 148 -6.47 -4.70 4.97
C ILE A 148 -5.41 -3.66 5.33
N SER A 149 -5.48 -3.13 6.55
CA SER A 149 -4.55 -2.10 7.00
C SER A 149 -3.39 -2.71 7.77
N ALA A 150 -2.17 -2.28 7.45
CA ALA A 150 -0.99 -2.65 8.21
C ALA A 150 0.12 -1.63 7.98
N GLY A 151 0.69 -1.12 9.06
CA GLY A 151 1.75 -0.12 8.94
C GLY A 151 2.13 0.52 10.27
N TYR A 152 2.61 1.75 10.19
CA TYR A 152 3.01 2.50 11.37
C TYR A 152 2.91 4.01 11.13
N SER A 153 3.16 4.78 12.18
CA SER A 153 3.21 6.23 12.07
C SER A 153 4.58 6.78 12.49
N ALA A 154 5.02 7.81 11.78
CA ALA A 154 6.22 8.55 12.13
C ALA A 154 5.93 10.02 11.87
N ASN A 155 6.16 10.86 12.86
CA ASN A 155 5.77 12.29 12.81
C ASN A 155 4.26 12.46 12.63
N ASP A 156 3.50 11.58 13.29
CA ASP A 156 2.03 11.53 13.18
C ASP A 156 1.51 11.36 11.74
N LYS A 157 2.34 10.80 10.86
CA LYS A 157 1.99 10.57 9.47
C LYS A 157 2.02 9.08 9.17
N ALA A 158 0.93 8.57 8.62
CA ALA A 158 0.76 7.14 8.39
C ALA A 158 1.64 6.63 7.24
N VAL A 159 2.35 5.53 7.50
CA VAL A 159 3.04 4.77 6.46
C VAL A 159 2.31 3.44 6.34
N LYS A 160 1.60 3.24 5.23
CA LYS A 160 0.67 2.13 5.06
C LYS A 160 1.19 1.10 4.07
N TYR A 161 1.46 -0.11 4.55
CA TYR A 161 1.96 -1.18 3.69
C TYR A 161 0.83 -1.72 2.82
N THR A 162 1.21 -2.30 1.69
CA THR A 162 0.30 -3.09 0.88
C THR A 162 0.22 -4.47 1.54
N VAL A 163 -0.95 -5.10 1.48
CA VAL A 163 -1.19 -6.38 2.14
C VAL A 163 -1.67 -7.43 1.15
N LYS A 164 -0.94 -8.54 1.05
CA LYS A 164 -1.35 -9.69 0.23
C LYS A 164 -1.98 -10.74 1.14
N ALA A 165 -3.22 -11.14 0.81
CA ALA A 165 -3.97 -12.08 1.62
C ALA A 165 -4.12 -13.44 0.96
N THR A 166 -3.84 -14.49 1.73
CA THR A 166 -4.11 -15.86 1.32
C THR A 166 -5.13 -16.46 2.27
N ASN A 167 -6.28 -16.86 1.72
CA ASN A 167 -7.37 -17.39 2.53
C ASN A 167 -7.15 -18.84 2.94
N GLY A 168 -7.80 -19.24 4.03
CA GLY A 168 -7.78 -20.63 4.49
C GLY A 168 -9.09 -21.34 4.22
N LYS A 169 -9.24 -22.54 4.76
CA LYS A 169 -10.41 -23.36 4.50
C LYS A 169 -10.70 -24.34 5.66
N ILE A 170 -11.99 -24.60 5.90
CA ILE A 170 -12.43 -25.64 6.82
C ILE A 170 -13.23 -26.65 6.01
N SER A 171 -12.85 -27.92 6.09
CA SER A 171 -13.60 -28.98 5.43
C SER A 171 -13.93 -30.09 6.43
N VAL A 172 -15.07 -30.76 6.19
CA VAL A 172 -15.50 -31.89 7.02
C VAL A 172 -15.31 -33.19 6.26
N PRO A 173 -14.59 -34.17 6.84
CA PRO A 173 -14.37 -35.47 6.22
C PRO A 173 -15.63 -36.32 5.96
N SER A 174 -15.40 -37.56 5.56
CA SER A 174 -16.40 -38.62 5.62
C SER A 174 -16.10 -39.45 6.88
N ALA A 175 -16.97 -40.40 7.21
CA ALA A 175 -16.77 -41.26 8.38
C ALA A 175 -16.04 -42.54 7.98
N VAL B 24 -13.69 15.83 9.06
CA VAL B 24 -14.64 14.69 9.18
C VAL B 24 -14.33 13.87 10.44
N TYR B 25 -15.36 13.34 11.10
CA TYR B 25 -15.20 12.67 12.39
C TYR B 25 -14.39 11.37 12.26
N GLY B 26 -13.48 11.15 13.20
CA GLY B 26 -12.64 9.95 13.22
C GLY B 26 -11.33 10.06 12.46
N ASP B 27 -11.17 11.10 11.65
CA ASP B 27 -10.00 11.27 10.79
C ASP B 27 -8.99 12.21 11.46
N LEU B 28 -8.15 11.64 12.34
CA LEU B 28 -7.24 12.44 13.16
C LEU B 28 -5.98 12.94 12.44
N ASP B 29 -5.47 12.18 11.48
CA ASP B 29 -4.35 12.66 10.65
C ASP B 29 -4.84 13.49 9.46
N GLY B 30 -6.13 13.37 9.15
CA GLY B 30 -6.76 14.23 8.15
C GLY B 30 -6.54 13.82 6.70
N ASP B 31 -6.30 12.54 6.45
CA ASP B 31 -6.00 12.07 5.08
C ASP B 31 -7.23 11.62 4.28
N GLY B 32 -8.42 11.74 4.87
CA GLY B 32 -9.66 11.38 4.19
C GLY B 32 -10.12 9.94 4.42
N GLU B 33 -9.40 9.21 5.26
CA GLU B 33 -9.78 7.85 5.64
C GLU B 33 -9.89 7.75 7.15
N VAL B 34 -10.74 6.84 7.61
CA VAL B 34 -10.83 6.53 9.04
C VAL B 34 -10.36 5.09 9.21
N ASP B 35 -9.23 4.91 9.88
CA ASP B 35 -8.63 3.58 9.99
C ASP B 35 -7.80 3.41 11.27
N VAL B 36 -7.12 2.27 11.37
CA VAL B 36 -6.32 1.93 12.55
C VAL B 36 -5.23 2.96 12.87
N PHE B 37 -4.78 3.70 11.87
CA PHE B 37 -3.73 4.71 12.08
C PHE B 37 -4.28 5.95 12.78
N ASP B 38 -5.57 6.22 12.60
CA ASP B 38 -6.27 7.24 13.39
C ASP B 38 -6.49 6.75 14.82
N LEU B 39 -6.71 5.45 14.99
CA LEU B 39 -6.88 4.87 16.32
C LEU B 39 -5.61 4.99 17.15
N ILE B 40 -4.46 4.83 16.49
CA ILE B 40 -3.16 5.03 17.14
C ILE B 40 -3.06 6.48 17.64
N LEU B 41 -3.47 7.43 16.80
CA LEU B 41 -3.51 8.84 17.18
C LEU B 41 -4.56 9.10 18.28
N MET B 42 -5.68 8.38 18.23
CA MET B 42 -6.68 8.47 19.27
C MET B 42 -6.12 8.03 20.63
N ARG B 43 -5.31 6.98 20.64
CA ARG B 43 -4.67 6.51 21.87
C ARG B 43 -3.77 7.59 22.47
N LYS B 44 -2.95 8.21 21.63
CA LYS B 44 -2.06 9.29 22.07
C LYS B 44 -2.86 10.51 22.54
N ALA B 45 -3.96 10.80 21.85
CA ALA B 45 -4.83 11.91 22.22
C ALA B 45 -5.43 11.75 23.61
N VAL B 46 -5.70 10.51 24.01
CA VAL B 46 -6.26 10.22 25.34
C VAL B 46 -5.22 10.44 26.45
N GLU B 47 -3.99 10.04 26.20
CA GLU B 47 -2.88 10.25 27.15
C GLU B 47 -2.73 11.74 27.51
N ASN B 48 -2.82 12.60 26.49
CA ASN B 48 -2.65 14.04 26.65
C ASN B 48 -3.97 14.80 26.84
N GLY B 49 -5.08 14.20 26.43
CA GLY B 49 -6.39 14.86 26.44
C GLY B 49 -6.48 15.94 25.37
N ASP B 50 -5.65 15.81 24.32
CA ASP B 50 -5.57 16.81 23.27
C ASP B 50 -4.94 16.24 22.00
N THR B 51 -5.30 16.80 20.85
CA THR B 51 -4.71 16.46 19.57
C THR B 51 -4.91 17.62 18.60
N GLU B 52 -4.26 17.57 17.45
CA GLU B 52 -4.31 18.68 16.48
C GLU B 52 -5.73 18.93 15.99
N ARG B 53 -6.40 17.88 15.55
CA ARG B 53 -7.76 17.96 15.05
C ARG B 53 -8.73 17.52 16.15
N PHE B 54 -8.93 18.41 17.12
CA PHE B 54 -9.70 18.10 18.34
C PHE B 54 -11.15 17.70 18.05
N GLU B 55 -11.78 18.41 17.11
CA GLU B 55 -13.20 18.16 16.79
C GLU B 55 -13.41 16.79 16.16
N ALA B 56 -12.43 16.35 15.37
CA ALA B 56 -12.46 15.01 14.76
C ALA B 56 -12.31 13.91 15.81
N ALA B 57 -11.59 14.21 16.89
CA ALA B 57 -11.33 13.24 17.96
C ALA B 57 -12.43 13.17 19.02
N ASP B 58 -13.10 14.30 19.28
CA ASP B 58 -14.18 14.33 20.27
C ASP B 58 -15.47 13.80 19.65
N LEU B 59 -15.59 12.47 19.63
CA LEU B 59 -16.66 11.79 18.92
C LEU B 59 -18.04 11.91 19.57
N ASN B 60 -18.08 12.10 20.89
CA ASN B 60 -19.34 12.29 21.61
C ASN B 60 -19.60 13.75 22.01
N CYS B 61 -18.72 14.65 21.56
CA CYS B 61 -18.94 16.09 21.67
C CYS B 61 -19.23 16.56 23.11
N ASP B 62 -18.42 16.09 24.07
CA ASP B 62 -18.54 16.52 25.46
C ASP B 62 -17.34 17.35 25.94
N GLY B 63 -16.51 17.79 25.00
CA GLY B 63 -15.40 18.70 25.30
C GLY B 63 -14.11 18.05 25.76
N VAL B 64 -14.06 16.73 25.80
CA VAL B 64 -12.84 15.99 26.17
C VAL B 64 -12.58 14.82 25.25
N ILE B 65 -11.31 14.43 25.18
CA ILE B 65 -10.92 13.19 24.52
C ILE B 65 -10.55 12.22 25.64
N ASP B 66 -11.28 11.12 25.74
CA ASP B 66 -11.02 10.11 26.77
C ASP B 66 -11.44 8.71 26.28
N SER B 67 -11.58 7.75 27.20
CA SER B 67 -11.82 6.35 26.83
C SER B 67 -13.11 6.11 26.07
N ASP B 68 -14.11 6.99 26.24
CA ASP B 68 -15.35 6.89 25.47
C ASP B 68 -15.07 7.09 23.98
N ASP B 69 -14.30 8.12 23.64
CA ASP B 69 -13.95 8.40 22.25
C ASP B 69 -13.10 7.27 21.65
N LEU B 70 -12.13 6.80 22.44
CA LEU B 70 -11.27 5.69 22.03
C LEU B 70 -12.10 4.44 21.74
N THR B 71 -13.06 4.15 22.62
CA THR B 71 -13.96 3.01 22.44
C THR B 71 -14.82 3.18 21.19
N TYR B 72 -15.43 4.34 21.03
CA TYR B 72 -16.30 4.60 19.89
C TYR B 72 -15.56 4.51 18.56
N HIS B 73 -14.32 4.96 18.54
CA HIS B 73 -13.47 4.88 17.35
C HIS B 73 -13.22 3.41 17.02
N SER B 74 -12.79 2.65 18.02
CA SER B 74 -12.55 1.21 17.88
C SER B 74 -13.81 0.47 17.40
N GLU B 75 -14.96 0.83 17.97
CA GLU B 75 -16.23 0.23 17.56
C GLU B 75 -16.57 0.52 16.09
N TYR B 76 -16.28 1.73 15.61
CA TYR B 76 -16.48 2.05 14.21
C TYR B 76 -15.59 1.20 13.30
N LEU B 77 -14.31 1.05 13.70
CA LEU B 77 -13.37 0.24 12.92
C LEU B 77 -13.78 -1.23 12.89
N HIS B 78 -14.32 -1.73 14.01
CA HIS B 78 -14.83 -3.09 14.08
C HIS B 78 -16.08 -3.32 13.21
N GLY B 79 -16.74 -2.24 12.80
CA GLY B 79 -17.90 -2.32 11.93
C GLY B 79 -19.22 -2.50 12.67
N ILE B 80 -19.19 -2.37 13.99
CA ILE B 80 -20.38 -2.55 14.82
C ILE B 80 -21.10 -1.23 15.11
N ARG B 81 -20.36 -0.13 15.12
CA ARG B 81 -20.95 1.22 15.22
C ARG B 81 -20.96 1.85 13.83
N LYS B 82 -22.15 2.17 13.34
CA LYS B 82 -22.34 2.57 11.94
C LYS B 82 -22.14 4.07 11.70
N THR B 83 -22.27 4.88 12.74
CA THR B 83 -22.28 6.33 12.58
C THR B 83 -21.40 7.05 13.60
N LEU B 84 -20.77 8.13 13.14
CA LEU B 84 -20.11 9.11 13.99
C LEU B 84 -20.58 10.48 13.50
N PRO B 85 -20.75 11.46 14.38
CA PRO B 85 -20.51 11.34 15.81
C PRO B 85 -21.57 10.55 16.57
N VAL B 86 -21.39 10.40 17.88
CA VAL B 86 -22.27 9.60 18.72
C VAL B 86 -23.32 10.49 19.41
N GLU B 87 -24.54 9.98 19.58
CA GLU B 87 -25.65 10.66 20.27
C GLU B 87 -25.74 10.23 21.75
N TYR B 88 -26.57 10.93 22.53
CA TYR B 88 -26.86 10.62 23.95
C TYR B 88 -25.72 11.00 24.89
N ALA C 2 19.84 14.36 -29.16
CA ALA C 2 20.66 13.24 -29.70
C ALA C 2 19.78 12.09 -30.20
N GLY C 3 18.88 11.64 -29.34
CA GLY C 3 17.84 10.69 -29.72
C GLY C 3 18.33 9.25 -29.88
N GLU C 4 19.14 8.76 -28.94
CA GLU C 4 19.57 7.37 -29.02
C GLU C 4 18.67 6.45 -28.20
N THR C 5 18.66 5.17 -28.58
CA THR C 5 17.72 4.19 -28.04
C THR C 5 18.32 3.41 -26.87
N VAL C 6 17.53 3.23 -25.82
CA VAL C 6 17.84 2.30 -24.73
C VAL C 6 16.74 1.24 -24.73
N GLN C 7 17.12 -0.01 -24.45
CA GLN C 7 16.18 -1.11 -24.48
C GLN C 7 15.72 -1.48 -23.08
N ILE C 8 14.43 -1.76 -22.95
CA ILE C 8 13.85 -2.22 -21.69
C ILE C 8 13.01 -3.47 -21.97
N SER C 9 13.09 -4.46 -21.09
CA SER C 9 12.42 -5.73 -21.35
C SER C 9 11.98 -6.46 -20.08
N ALA C 10 10.90 -7.24 -20.22
CA ALA C 10 10.35 -8.03 -19.12
C ALA C 10 10.48 -9.53 -19.43
N SER C 11 10.95 -10.29 -18.45
CA SER C 11 11.12 -11.74 -18.60
C SER C 11 9.80 -12.48 -18.54
N ASN C 12 9.84 -13.78 -18.83
CA ASN C 12 8.67 -14.64 -18.77
C ASN C 12 8.69 -15.50 -17.52
N ALA C 13 7.51 -15.92 -17.07
CA ALA C 13 7.40 -16.76 -15.89
C ALA C 13 6.28 -17.79 -16.04
N GLU C 14 6.41 -18.89 -15.31
CA GLU C 14 5.38 -19.92 -15.24
C GLU C 14 5.02 -20.17 -13.79
N ALA C 15 3.73 -20.26 -13.50
CA ALA C 15 3.25 -20.54 -12.15
C ALA C 15 1.83 -21.11 -12.20
N LYS C 16 1.52 -21.97 -11.23
CA LYS C 16 0.18 -22.53 -11.11
C LYS C 16 -0.81 -21.46 -10.65
N ALA C 17 -2.09 -21.74 -10.82
CA ALA C 17 -3.15 -20.88 -10.29
C ALA C 17 -2.99 -20.72 -8.78
N GLY C 18 -3.05 -19.49 -8.31
CA GLY C 18 -2.91 -19.19 -6.88
C GLY C 18 -1.48 -19.03 -6.38
N ASP C 19 -0.48 -19.36 -7.22
CA ASP C 19 0.94 -19.27 -6.83
C ASP C 19 1.51 -17.91 -7.17
N GLN C 20 2.65 -17.58 -6.56
CA GLN C 20 3.39 -16.37 -6.90
C GLN C 20 4.41 -16.63 -8.02
N PHE C 21 4.80 -15.55 -8.70
CA PHE C 21 5.78 -15.60 -9.79
C PHE C 21 6.69 -14.38 -9.73
N GLU C 22 7.83 -14.46 -10.40
CA GLU C 22 8.75 -13.32 -10.53
C GLU C 22 8.99 -12.93 -11.99
N VAL C 23 9.12 -11.63 -12.23
CA VAL C 23 9.49 -11.10 -13.54
C VAL C 23 10.59 -10.07 -13.35
N LYS C 24 11.69 -10.24 -14.08
CA LYS C 24 12.80 -9.28 -14.07
C LYS C 24 12.58 -8.23 -15.16
N VAL C 25 12.73 -6.97 -14.80
CA VAL C 25 12.75 -5.89 -15.79
C VAL C 25 14.20 -5.46 -15.95
N SER C 26 14.70 -5.52 -17.18
CA SER C 26 16.10 -5.25 -17.48
C SER C 26 16.27 -4.08 -18.44
N LEU C 27 17.38 -3.38 -18.30
CA LEU C 27 17.81 -2.39 -19.29
C LEU C 27 19.03 -2.92 -20.05
N ALA C 28 19.05 -2.66 -21.35
CA ALA C 28 20.21 -2.96 -22.19
C ALA C 28 20.54 -1.73 -23.04
N ASP C 29 21.80 -1.63 -23.43
CA ASP C 29 22.33 -0.46 -24.17
C ASP C 29 22.08 0.87 -23.48
N VAL C 30 22.35 0.91 -22.18
CA VAL C 30 22.29 2.15 -21.41
C VAL C 30 23.42 3.07 -21.90
N PRO C 31 23.07 4.28 -22.39
CA PRO C 31 24.12 5.19 -22.90
C PRO C 31 25.15 5.58 -21.84
N SER C 32 26.37 5.87 -22.28
CA SER C 32 27.48 6.21 -21.37
C SER C 32 27.21 7.50 -20.59
N THR C 33 26.35 8.35 -21.13
CA THR C 33 25.89 9.55 -20.42
C THR C 33 24.95 9.26 -19.24
N GLY C 34 24.28 8.12 -19.27
CA GLY C 34 23.53 7.63 -18.12
C GLY C 34 22.07 8.05 -18.06
N ILE C 35 21.37 7.52 -17.06
CA ILE C 35 19.94 7.75 -16.88
C ILE C 35 19.71 8.36 -15.50
N GLN C 36 19.32 9.64 -15.48
CA GLN C 36 19.03 10.35 -14.25
C GLN C 36 17.55 10.21 -13.86
N GLY C 37 16.71 9.93 -14.84
CA GLY C 37 15.29 9.76 -14.62
C GLY C 37 14.70 8.75 -15.59
N ILE C 38 13.85 7.87 -15.08
CA ILE C 38 13.16 6.87 -15.90
C ILE C 38 11.76 6.62 -15.34
N ASP C 39 10.79 6.48 -16.25
CA ASP C 39 9.38 6.38 -15.90
C ASP C 39 8.67 5.45 -16.88
N PHE C 40 8.09 4.37 -16.36
CA PHE C 40 7.31 3.43 -17.19
C PHE C 40 6.22 2.75 -16.40
N ALA C 41 5.23 2.21 -17.11
CA ALA C 41 4.14 1.46 -16.53
C ALA C 41 4.24 -0.01 -16.91
N VAL C 42 3.83 -0.88 -16.00
CA VAL C 42 3.66 -2.30 -16.27
C VAL C 42 2.16 -2.58 -16.32
N THR C 43 1.66 -3.04 -17.47
CA THR C 43 0.23 -3.29 -17.65
C THR C 43 -0.05 -4.78 -17.80
N TYR C 44 -1.21 -5.20 -17.31
CA TYR C 44 -1.55 -6.61 -17.23
C TYR C 44 -3.05 -6.81 -17.09
N ASP C 45 -3.49 -8.06 -17.21
CA ASP C 45 -4.89 -8.42 -17.08
C ASP C 45 -5.13 -8.85 -15.62
N ASN C 46 -5.85 -8.03 -14.86
CA ASN C 46 -6.05 -8.28 -13.43
C ASN C 46 -6.99 -9.46 -13.09
N THR C 47 -7.65 -10.03 -14.09
CA THR C 47 -8.42 -11.26 -13.90
C THR C 47 -7.51 -12.49 -13.88
N VAL C 48 -6.26 -12.33 -14.33
CA VAL C 48 -5.28 -13.42 -14.37
C VAL C 48 -4.14 -13.21 -13.37
N VAL C 49 -3.57 -12.01 -13.33
CA VAL C 49 -2.47 -11.70 -12.41
C VAL C 49 -2.65 -10.38 -11.67
N THR C 50 -2.03 -10.28 -10.50
CA THR C 50 -1.94 -9.04 -9.74
C THR C 50 -0.51 -8.91 -9.20
N ILE C 51 -0.02 -7.69 -9.05
CA ILE C 51 1.33 -7.45 -8.55
C ILE C 51 1.31 -7.22 -7.05
N ASP C 52 2.17 -7.92 -6.34
CA ASP C 52 2.25 -7.84 -4.88
C ASP C 52 3.32 -6.83 -4.43
N LYS C 53 4.45 -6.81 -5.13
CA LYS C 53 5.51 -5.83 -4.87
C LYS C 53 6.46 -5.68 -6.05
N ILE C 54 7.21 -4.58 -6.05
CA ILE C 54 8.27 -4.34 -7.01
C ILE C 54 9.51 -3.83 -6.26
N THR C 55 10.63 -4.54 -6.41
CA THR C 55 11.86 -4.25 -5.65
C THR C 55 12.94 -3.68 -6.58
N VAL C 56 13.71 -2.72 -6.06
CA VAL C 56 14.81 -2.09 -6.81
C VAL C 56 15.86 -3.11 -7.25
N GLY C 57 16.37 -2.94 -8.47
CA GLY C 57 17.38 -3.84 -9.03
C GLY C 57 18.80 -3.32 -8.89
N GLU C 58 19.75 -4.18 -9.20
CA GLU C 58 21.18 -3.88 -9.05
C GLU C 58 21.63 -2.58 -9.69
N ILE C 59 21.17 -2.31 -10.91
CA ILE C 59 21.67 -1.16 -11.68
C ILE C 59 21.12 0.18 -11.17
N ALA C 60 20.02 0.13 -10.43
CA ALA C 60 19.43 1.32 -9.83
C ALA C 60 19.81 1.47 -8.36
N ASP C 61 20.57 0.51 -7.82
CA ASP C 61 20.97 0.53 -6.43
C ASP C 61 22.29 1.31 -6.29
N THR C 62 22.21 2.62 -6.46
CA THR C 62 23.39 3.49 -6.44
C THR C 62 23.40 4.34 -5.18
N LYS C 63 24.40 5.20 -5.05
CA LYS C 63 24.52 6.09 -3.88
C LYS C 63 23.46 7.18 -3.85
N ALA C 64 22.78 7.41 -4.97
CA ALA C 64 21.71 8.41 -5.05
C ALA C 64 20.61 8.20 -4.00
N ALA C 65 20.26 6.95 -3.75
CA ALA C 65 19.18 6.62 -2.80
C ALA C 65 19.46 7.12 -1.38
N SER C 66 20.73 7.14 -0.98
CA SER C 66 21.12 7.53 0.38
C SER C 66 21.78 8.92 0.47
N SER C 67 22.19 9.49 -0.66
CA SER C 67 22.88 10.80 -0.65
C SER C 67 22.01 11.97 -1.15
N ASP C 68 20.95 11.68 -1.91
CA ASP C 68 20.07 12.73 -2.41
C ASP C 68 19.22 13.29 -1.28
N GLN C 69 19.29 14.60 -1.08
CA GLN C 69 18.60 15.27 0.03
C GLN C 69 17.09 14.98 0.07
N THR C 70 16.45 14.98 -1.10
CA THR C 70 15.01 14.78 -1.19
C THR C 70 14.57 13.31 -1.19
N ALA C 71 15.51 12.39 -1.06
CA ALA C 71 15.19 10.96 -1.03
C ALA C 71 14.29 10.60 0.16
N SER C 72 14.46 11.28 1.28
CA SER C 72 13.64 11.06 2.46
C SER C 72 12.23 11.65 2.33
N LEU C 73 12.06 12.63 1.46
CA LEU C 73 10.74 13.21 1.16
C LEU C 73 10.02 12.42 0.09
N LEU C 74 10.76 11.94 -0.91
CA LEU C 74 10.24 11.09 -1.97
C LEU C 74 11.32 10.09 -2.41
N PRO C 75 11.09 8.77 -2.18
CA PRO C 75 12.14 7.80 -2.46
C PRO C 75 12.61 7.80 -3.92
N THR C 76 13.91 7.57 -4.10
CA THR C 76 14.51 7.53 -5.42
C THR C 76 13.78 6.51 -6.30
N PHE C 77 13.72 5.27 -5.84
CA PHE C 77 12.93 4.24 -6.50
C PHE C 77 11.50 4.32 -5.97
N ASP C 78 10.58 4.82 -6.80
CA ASP C 78 9.22 5.15 -6.37
C ASP C 78 8.18 4.35 -7.17
N VAL C 79 7.41 3.53 -6.47
CA VAL C 79 6.46 2.60 -7.09
C VAL C 79 5.02 2.88 -6.68
N SER C 80 4.09 2.71 -7.62
CA SER C 80 2.66 2.83 -7.35
C SER C 80 1.91 1.69 -8.02
N ILE C 81 1.45 0.73 -7.21
CA ILE C 81 0.72 -0.43 -7.71
C ILE C 81 -0.77 -0.13 -7.79
N GLN C 82 -1.34 -0.28 -8.98
CA GLN C 82 -2.76 0.01 -9.24
C GLN C 82 -3.46 -1.21 -9.85
N ASN C 83 -3.56 -2.28 -9.07
CA ASN C 83 -4.10 -3.55 -9.59
C ASN C 83 -5.52 -3.45 -10.15
N SER C 84 -6.40 -2.69 -9.50
CA SER C 84 -7.78 -2.52 -9.97
C SER C 84 -7.86 -1.77 -11.29
N GLU C 85 -6.84 -0.97 -11.59
CA GLU C 85 -6.73 -0.24 -12.85
C GLU C 85 -5.91 -1.01 -13.89
N GLY C 86 -5.37 -2.16 -13.50
CA GLY C 86 -4.64 -3.04 -14.41
C GLY C 86 -3.24 -2.57 -14.77
N TYR C 87 -2.59 -1.84 -13.86
CA TYR C 87 -1.21 -1.41 -14.09
C TYR C 87 -0.46 -1.07 -12.81
N SER C 88 0.87 -1.06 -12.91
CA SER C 88 1.74 -0.56 -11.85
C SER C 88 2.76 0.38 -12.46
N SER C 89 3.01 1.51 -11.79
CA SER C 89 3.86 2.57 -12.32
C SER C 89 5.18 2.64 -11.56
N VAL C 90 6.29 2.68 -12.30
CA VAL C 90 7.63 2.69 -11.71
C VAL C 90 8.41 3.93 -12.15
N ILE C 91 8.83 4.73 -11.17
CA ILE C 91 9.65 5.91 -11.43
C ILE C 91 10.93 5.84 -10.61
N TRP C 92 12.05 6.10 -11.28
CA TRP C 92 13.35 6.28 -10.60
C TRP C 92 13.87 7.64 -11.03
N SER C 93 14.23 8.49 -10.07
CA SER C 93 14.75 9.82 -10.38
C SER C 93 15.65 10.35 -9.26
N THR C 94 16.52 11.29 -9.59
CA THR C 94 17.43 11.90 -8.62
C THR C 94 17.83 13.30 -9.06
N ALA C 95 18.04 14.17 -8.06
CA ALA C 95 18.49 15.55 -8.29
C ALA C 95 20.01 15.67 -8.25
N VAL C 96 20.70 14.60 -7.86
CA VAL C 96 22.16 14.62 -7.79
C VAL C 96 22.71 14.85 -9.19
N GLU C 97 23.67 15.76 -9.28
CA GLU C 97 24.26 16.17 -10.56
C GLU C 97 25.37 15.21 -11.02
N ASP C 98 26.10 14.64 -10.05
CA ASP C 98 27.18 13.69 -10.32
C ASP C 98 26.64 12.46 -11.08
N SER C 99 27.03 12.36 -12.35
CA SER C 99 26.56 11.29 -13.24
C SER C 99 26.95 9.88 -12.80
N SER C 100 27.99 9.76 -11.98
CA SER C 100 28.40 8.46 -11.43
C SER C 100 27.39 7.88 -10.43
N TYR C 101 26.44 8.69 -9.95
CA TYR C 101 25.37 8.23 -9.06
C TYR C 101 24.09 7.89 -9.84
N TRP C 102 24.09 8.11 -11.15
CA TRP C 102 22.93 7.78 -11.98
C TRP C 102 22.93 6.30 -12.36
N ILE C 103 21.86 5.85 -13.00
CA ILE C 103 21.81 4.51 -13.60
C ILE C 103 22.73 4.53 -14.81
N SER C 104 23.72 3.64 -14.83
CA SER C 104 24.76 3.67 -15.87
C SER C 104 25.21 2.34 -16.47
N LYS C 105 24.72 1.19 -15.96
CA LYS C 105 25.11 -0.10 -16.53
C LYS C 105 23.88 -0.95 -16.91
N ASP C 106 24.09 -1.89 -17.84
CA ASP C 106 23.05 -2.80 -18.26
C ASP C 106 22.81 -3.86 -17.18
N GLY C 107 21.56 -4.29 -17.04
CA GLY C 107 21.21 -5.31 -16.04
C GLY C 107 19.79 -5.18 -15.51
N VAL C 108 19.57 -5.76 -14.34
CA VAL C 108 18.24 -5.79 -13.72
C VAL C 108 17.91 -4.42 -13.14
N LEU C 109 16.85 -3.80 -13.68
CA LEU C 109 16.35 -2.52 -13.18
C LEU C 109 15.49 -2.72 -11.92
N CYS C 110 14.59 -3.70 -11.97
CA CYS C 110 13.73 -4.03 -10.82
C CYS C 110 13.11 -5.41 -10.98
N THR C 111 12.63 -5.97 -9.88
CA THR C 111 12.01 -7.29 -9.88
C THR C 111 10.55 -7.20 -9.42
N ILE C 112 9.66 -7.73 -10.26
CA ILE C 112 8.22 -7.75 -9.98
C ILE C 112 7.84 -9.10 -9.36
N THR C 113 7.07 -9.05 -8.28
CA THR C 113 6.50 -10.26 -7.67
C THR C 113 4.99 -10.13 -7.72
N GLY C 114 4.33 -11.14 -8.28
CA GLY C 114 2.87 -11.13 -8.43
C GLY C 114 2.24 -12.46 -8.07
N THR C 115 0.93 -12.53 -8.24
CA THR C 115 0.14 -13.71 -7.88
C THR C 115 -0.84 -14.04 -9.00
N VAL C 116 -0.83 -15.31 -9.42
CA VAL C 116 -1.78 -15.78 -10.44
C VAL C 116 -3.12 -16.04 -9.77
N SER C 117 -4.20 -15.66 -10.46
CA SER C 117 -5.57 -15.86 -9.96
C SER C 117 -5.84 -17.32 -9.59
N SER C 118 -6.64 -17.51 -8.55
CA SER C 118 -7.08 -18.85 -8.15
C SER C 118 -7.97 -19.50 -9.22
N ASN C 119 -8.67 -18.67 -9.99
CA ASN C 119 -9.59 -19.15 -11.03
C ASN C 119 -8.88 -19.52 -12.33
N ALA C 120 -7.67 -19.01 -12.52
CA ALA C 120 -6.93 -19.21 -13.76
C ALA C 120 -6.89 -20.69 -14.15
N LYS C 121 -7.36 -20.99 -15.37
CA LYS C 121 -7.41 -22.36 -15.87
C LYS C 121 -6.06 -22.74 -16.46
N PRO C 122 -5.73 -24.05 -16.48
CA PRO C 122 -4.48 -24.53 -17.09
C PRO C 122 -4.29 -24.04 -18.53
N GLY C 123 -3.04 -23.79 -18.91
CA GLY C 123 -2.70 -23.34 -20.26
C GLY C 123 -2.85 -21.85 -20.52
N ALA C 124 -3.65 -21.16 -19.70
CA ALA C 124 -3.94 -19.74 -19.88
C ALA C 124 -2.66 -18.89 -19.89
N GLU C 125 -2.76 -17.70 -20.47
CA GLU C 125 -1.63 -16.79 -20.57
C GLU C 125 -2.05 -15.33 -20.39
N SER C 126 -1.08 -14.47 -20.12
CA SER C 126 -1.32 -13.04 -19.97
C SER C 126 -0.03 -12.26 -20.23
N PRO C 127 -0.08 -11.25 -21.12
CA PRO C 127 1.11 -10.44 -21.31
C PRO C 127 1.43 -9.52 -20.12
N ILE C 128 2.73 -9.30 -19.91
CA ILE C 128 3.22 -8.29 -18.98
C ILE C 128 3.88 -7.23 -19.85
N LYS C 129 3.13 -6.17 -20.14
CA LYS C 129 3.58 -5.16 -21.10
C LYS C 129 4.27 -3.99 -20.41
N LEU C 130 5.30 -3.46 -21.07
CA LEU C 130 5.99 -2.27 -20.62
C LEU C 130 5.62 -1.12 -21.56
N GLU C 131 4.99 -0.09 -21.01
CA GLU C 131 4.52 1.05 -21.81
C GLU C 131 4.33 2.31 -20.98
N ALA C 132 3.98 3.41 -21.64
CA ALA C 132 3.79 4.70 -20.97
C ALA C 132 2.60 4.64 -20.01
N VAL C 133 2.74 5.34 -18.88
CA VAL C 133 1.62 5.52 -17.96
C VAL C 133 0.52 6.27 -18.70
N LYS C 134 -0.72 5.80 -18.54
CA LYS C 134 -1.87 6.48 -19.13
C LYS C 134 -2.15 7.78 -18.36
N ARG C 135 -1.67 8.89 -18.90
CA ARG C 135 -1.90 10.23 -18.36
C ARG C 135 -1.78 11.24 -19.49
N GLU C 136 -2.29 12.44 -19.28
CA GLU C 136 -2.19 13.50 -20.29
C GLU C 136 -0.77 14.06 -20.35
N THR C 137 -0.36 14.49 -21.54
CA THR C 137 0.95 15.11 -21.72
C THR C 137 1.11 16.34 -20.82
N TYR C 138 0.05 17.14 -20.75
CA TYR C 138 -0.11 18.17 -19.71
C TYR C 138 -1.58 18.28 -19.37
N VAL C 139 -1.89 18.93 -18.26
CA VAL C 139 -3.27 18.97 -17.76
C VAL C 139 -4.19 19.72 -18.72
N GLY C 140 -5.21 19.02 -19.20
CA GLY C 140 -6.16 19.59 -20.16
C GLY C 140 -5.74 19.53 -21.62
N SER C 141 -4.70 18.75 -21.92
CA SER C 141 -4.20 18.63 -23.29
C SER C 141 -5.14 17.81 -24.16
N GLY C 142 -5.78 16.80 -23.57
CA GLY C 142 -6.64 15.88 -24.31
C GLY C 142 -5.84 14.93 -25.20
N THR C 143 -4.58 14.70 -24.86
CA THR C 143 -3.72 13.75 -25.57
C THR C 143 -2.86 13.03 -24.55
N ASP C 144 -2.74 11.72 -24.69
CA ASP C 144 -2.03 10.91 -23.70
C ASP C 144 -0.53 10.85 -23.95
N ASN C 145 0.21 10.65 -22.85
CA ASN C 145 1.63 10.35 -22.88
C ASN C 145 1.81 9.05 -23.66
N SER C 146 2.66 9.07 -24.68
CA SER C 146 2.75 7.97 -25.65
C SER C 146 4.04 7.15 -25.59
N SER C 147 5.07 7.63 -24.88
CA SER C 147 6.34 6.91 -24.79
C SER C 147 6.81 6.73 -23.34
N ILE C 148 7.62 5.70 -23.14
CA ILE C 148 8.34 5.51 -21.87
C ILE C 148 9.45 6.55 -21.79
N SER C 149 9.61 7.16 -20.62
CA SER C 149 10.61 8.21 -20.43
C SER C 149 11.90 7.64 -19.87
N ALA C 150 13.02 8.04 -20.44
CA ALA C 150 14.34 7.72 -19.91
C ALA C 150 15.36 8.71 -20.42
N GLY C 151 16.13 9.29 -19.50
CA GLY C 151 17.13 10.27 -19.89
C GLY C 151 17.77 10.98 -18.73
N TYR C 152 18.22 12.21 -18.98
CA TYR C 152 18.85 13.04 -17.96
C TYR C 152 18.71 14.52 -18.29
N SER C 153 19.18 15.36 -17.37
CA SER C 153 19.23 16.81 -17.60
C SER C 153 20.66 17.34 -17.52
N ALA C 154 20.97 18.30 -18.39
CA ALA C 154 22.23 19.04 -18.35
C ALA C 154 21.91 20.50 -18.67
N ASN C 155 22.37 21.41 -17.81
CA ASN C 155 21.99 22.82 -17.89
C ASN C 155 20.48 23.01 -17.74
N ASP C 156 19.86 22.20 -16.88
CA ASP C 156 18.41 22.17 -16.67
C ASP C 156 17.58 21.93 -17.95
N LYS C 157 18.20 21.29 -18.93
CA LYS C 157 17.55 20.98 -20.21
C LYS C 157 17.50 19.48 -20.41
N ALA C 158 16.31 18.95 -20.69
CA ALA C 158 16.10 17.51 -20.77
C ALA C 158 16.71 16.90 -22.03
N VAL C 159 17.45 15.81 -21.84
CA VAL C 159 17.91 14.96 -22.93
C VAL C 159 17.17 13.64 -22.80
N LYS C 160 16.27 13.37 -23.74
CA LYS C 160 15.32 12.26 -23.64
C LYS C 160 15.64 11.16 -24.64
N TYR C 161 16.00 9.98 -24.14
CA TYR C 161 16.30 8.85 -25.01
C TYR C 161 15.03 8.26 -25.60
N THR C 162 15.18 7.60 -26.74
CA THR C 162 14.11 6.78 -27.29
C THR C 162 14.16 5.46 -26.53
N VAL C 163 13.01 4.84 -26.31
CA VAL C 163 12.93 3.60 -25.54
C VAL C 163 12.26 2.49 -26.34
N LYS C 164 12.98 1.37 -26.51
CA LYS C 164 12.42 0.19 -27.17
C LYS C 164 12.00 -0.82 -26.11
N ALA C 165 10.75 -1.25 -26.17
CA ALA C 165 10.17 -2.12 -25.16
C ALA C 165 9.92 -3.53 -25.69
N THR C 166 10.36 -4.53 -24.93
CA THR C 166 10.04 -5.93 -25.19
C THR C 166 9.21 -6.47 -24.03
N ASN C 167 8.00 -6.90 -24.33
CA ASN C 167 7.07 -7.35 -23.29
C ASN C 167 7.37 -8.78 -22.83
N GLY C 168 6.94 -9.10 -21.61
CA GLY C 168 7.06 -10.45 -21.05
C GLY C 168 5.73 -11.16 -21.02
N LYS C 169 5.70 -12.32 -20.39
CA LYS C 169 4.50 -13.16 -20.38
C LYS C 169 4.43 -14.02 -19.11
N ILE C 170 3.20 -14.23 -18.64
CA ILE C 170 2.93 -15.21 -17.59
C ILE C 170 2.05 -16.29 -18.17
N SER C 171 2.46 -17.55 -18.04
CA SER C 171 1.67 -18.68 -18.51
C SER C 171 1.48 -19.70 -17.39
N VAL C 172 0.35 -20.40 -17.42
CA VAL C 172 0.05 -21.43 -16.40
C VAL C 172 0.13 -22.82 -17.05
N PRO C 173 0.93 -23.74 -16.46
CA PRO C 173 1.09 -25.10 -17.00
C PRO C 173 -0.19 -25.95 -17.06
N SER C 174 -0.03 -27.19 -17.51
CA SER C 174 -1.14 -28.13 -17.65
C SER C 174 -0.78 -29.49 -17.05
N VAL D 24 2.09 26.45 -17.88
CA VAL D 24 1.17 25.34 -17.46
C VAL D 24 1.76 24.58 -16.27
N TYR D 25 0.88 24.09 -15.40
CA TYR D 25 1.30 23.48 -14.13
C TYR D 25 2.06 22.17 -14.34
N GLY D 26 3.15 22.00 -13.59
CA GLY D 26 3.98 20.80 -13.65
C GLY D 26 5.11 20.84 -14.67
N ASP D 27 5.10 21.83 -15.56
CA ASP D 27 6.07 21.93 -16.64
C ASP D 27 7.20 22.90 -16.25
N LEU D 28 8.19 22.38 -15.51
CA LEU D 28 9.25 23.23 -14.94
C LEU D 28 10.34 23.65 -15.94
N ASP D 29 10.65 22.83 -16.93
CA ASP D 29 11.60 23.25 -17.99
C ASP D 29 10.87 24.00 -19.10
N GLY D 30 9.55 23.87 -19.16
CA GLY D 30 8.72 24.67 -20.06
C GLY D 30 8.65 24.17 -21.49
N ASP D 31 8.83 22.87 -21.71
CA ASP D 31 8.86 22.30 -23.06
C ASP D 31 7.50 21.81 -23.57
N GLY D 32 6.45 21.99 -22.78
CA GLY D 32 5.10 21.59 -23.17
C GLY D 32 4.69 20.18 -22.78
N GLU D 33 5.55 19.50 -22.03
CA GLU D 33 5.25 18.18 -21.49
C GLU D 33 5.45 18.18 -19.98
N VAL D 34 4.72 17.31 -19.30
CA VAL D 34 4.90 17.10 -17.87
C VAL D 34 5.41 15.67 -17.70
N ASP D 35 6.64 15.52 -17.25
CA ASP D 35 7.26 14.19 -17.19
C ASP D 35 8.32 14.09 -16.09
N VAL D 36 9.01 12.95 -16.04
CA VAL D 36 10.03 12.68 -15.02
C VAL D 36 11.17 13.71 -14.99
N PHE D 37 11.40 14.38 -16.12
CA PHE D 37 12.47 15.38 -16.19
C PHE D 37 12.06 16.68 -15.48
N ASP D 38 10.76 16.95 -15.42
CA ASP D 38 10.24 18.02 -14.58
C ASP D 38 10.30 17.64 -13.10
N LEU D 39 10.14 16.35 -12.81
CA LEU D 39 10.23 15.86 -11.43
C LEU D 39 11.64 16.02 -10.88
N ILE D 40 12.64 15.80 -11.74
CA ILE D 40 14.03 16.05 -11.37
C ILE D 40 14.23 17.52 -11.00
N LEU D 41 13.66 18.41 -11.80
CA LEU D 41 13.70 19.85 -11.50
C LEU D 41 12.89 20.20 -10.25
N MET D 42 11.79 19.49 -10.03
CA MET D 42 11.01 19.65 -8.81
C MET D 42 11.83 19.30 -7.57
N ARG D 43 12.62 18.24 -7.65
CA ARG D 43 13.49 17.83 -6.54
C ARG D 43 14.50 18.94 -6.20
N LYS D 44 15.13 19.50 -7.23
CA LYS D 44 16.08 20.60 -7.05
C LYS D 44 15.40 21.85 -6.51
N ALA D 45 14.18 22.11 -6.98
CA ALA D 45 13.39 23.26 -6.52
C ALA D 45 13.08 23.19 -5.03
N VAL D 46 12.89 21.98 -4.50
CA VAL D 46 12.60 21.79 -3.08
C VAL D 46 13.83 22.08 -2.20
N GLU D 47 15.01 21.65 -2.66
CA GLU D 47 16.27 21.92 -1.96
C GLU D 47 16.46 23.43 -1.70
N ASN D 48 16.17 24.23 -2.72
CA ASN D 48 16.35 25.67 -2.67
C ASN D 48 15.09 26.44 -2.29
N GLY D 49 13.93 25.82 -2.47
CA GLY D 49 12.65 26.49 -2.28
C GLY D 49 12.35 27.48 -3.38
N ASP D 50 12.97 27.28 -4.55
CA ASP D 50 12.87 28.22 -5.66
C ASP D 50 13.25 27.55 -6.99
N THR D 51 12.67 28.05 -8.08
CA THR D 51 13.00 27.61 -9.43
C THR D 51 12.61 28.71 -10.42
N GLU D 52 13.03 28.57 -11.68
CA GLU D 52 12.79 29.61 -12.68
C GLU D 52 11.30 29.86 -12.90
N ARG D 53 10.56 28.78 -13.13
CA ARG D 53 9.12 28.85 -13.35
C ARG D 53 8.38 28.50 -12.06
N PHE D 54 8.38 29.45 -11.14
CA PHE D 54 7.86 29.25 -9.78
C PHE D 54 6.38 28.84 -9.75
N GLU D 55 5.58 29.48 -10.58
CA GLU D 55 4.13 29.25 -10.61
C GLU D 55 3.79 27.84 -11.10
N ALA D 56 4.59 27.33 -12.03
CA ALA D 56 4.45 25.95 -12.52
C ALA D 56 4.80 24.92 -11.46
N ALA D 57 5.72 25.29 -10.55
CA ALA D 57 6.19 24.38 -9.50
C ALA D 57 5.32 24.40 -8.23
N ASP D 58 4.73 25.56 -7.93
CA ASP D 58 3.86 25.68 -6.76
C ASP D 58 2.47 25.10 -7.07
N LEU D 59 2.35 23.78 -6.98
CA LEU D 59 1.15 23.07 -7.41
C LEU D 59 -0.07 23.24 -6.51
N ASN D 60 0.15 23.52 -5.22
CA ASN D 60 -0.95 23.78 -4.28
C ASN D 60 -1.12 25.27 -3.95
N CYS D 61 -0.36 26.13 -4.62
CA CYS D 61 -0.54 27.58 -4.56
C CYS D 61 -0.54 28.14 -3.15
N ASP D 62 0.44 27.72 -2.33
CA ASP D 62 0.58 28.25 -0.96
C ASP D 62 1.84 29.11 -0.79
N GLY D 63 2.49 29.47 -1.91
CA GLY D 63 3.63 30.38 -1.89
C GLY D 63 4.99 29.75 -1.64
N VAL D 64 5.05 28.42 -1.53
CA VAL D 64 6.32 27.71 -1.35
C VAL D 64 6.39 26.46 -2.23
N ILE D 65 7.62 26.05 -2.53
CA ILE D 65 7.87 24.76 -3.16
C ILE D 65 8.47 23.86 -2.08
N ASP D 66 7.77 22.78 -1.76
CA ASP D 66 8.23 21.83 -0.73
C ASP D 66 7.74 20.42 -1.04
N SER D 67 7.78 19.52 -0.04
CA SER D 67 7.47 18.10 -0.26
C SER D 67 6.04 17.83 -0.73
N ASP D 68 5.11 18.72 -0.42
CA ASP D 68 3.74 18.60 -0.93
C ASP D 68 3.73 18.68 -2.46
N ASP D 69 4.41 19.68 -3.00
CA ASP D 69 4.49 19.87 -4.46
C ASP D 69 5.20 18.70 -5.13
N LEU D 70 6.30 18.27 -4.53
CA LEU D 70 7.07 17.11 -5.01
C LEU D 70 6.21 15.86 -5.05
N THR D 71 5.45 15.64 -3.98
CA THR D 71 4.54 14.51 -3.90
C THR D 71 3.44 14.59 -4.96
N TYR D 72 2.81 15.76 -5.08
CA TYR D 72 1.72 15.95 -6.04
C TYR D 72 2.18 15.76 -7.48
N HIS D 73 3.40 16.20 -7.78
CA HIS D 73 3.98 16.02 -9.11
C HIS D 73 4.17 14.53 -9.39
N SER D 74 4.80 13.84 -8.44
CA SER D 74 5.00 12.40 -8.52
C SER D 74 3.68 11.64 -8.69
N GLU D 75 2.66 12.05 -7.93
CA GLU D 75 1.35 11.44 -8.03
C GLU D 75 0.71 11.62 -9.41
N TYR D 76 0.91 12.79 -10.02
CA TYR D 76 0.41 13.02 -11.38
C TYR D 76 1.12 12.10 -12.38
N LEU D 77 2.43 11.97 -12.26
CA LEU D 77 3.21 11.10 -13.14
C LEU D 77 2.82 9.63 -12.99
N HIS D 78 2.53 9.22 -11.75
CA HIS D 78 2.04 7.86 -11.47
C HIS D 78 0.65 7.58 -12.06
N GLY D 79 -0.08 8.64 -12.40
CA GLY D 79 -1.40 8.51 -13.02
C GLY D 79 -2.55 8.39 -12.01
N ILE D 80 -2.25 8.62 -10.73
CA ILE D 80 -3.26 8.50 -9.68
C ILE D 80 -3.91 9.85 -9.33
N ARG D 81 -3.18 10.95 -9.55
CA ARG D 81 -3.74 12.30 -9.44
C ARG D 81 -4.04 12.83 -10.85
N LYS D 82 -5.30 13.13 -11.11
CA LYS D 82 -5.76 13.44 -12.47
C LYS D 82 -5.62 14.91 -12.85
N THR D 83 -5.55 15.80 -11.86
CA THR D 83 -5.59 17.24 -12.11
C THR D 83 -4.52 18.01 -11.34
N LEU D 84 -4.01 19.05 -11.99
CA LEU D 84 -3.19 20.09 -11.37
C LEU D 84 -3.75 21.43 -11.85
N PRO D 85 -3.76 22.48 -11.02
CA PRO D 85 -3.22 22.45 -9.65
C PRO D 85 -4.12 21.71 -8.66
N VAL D 86 -3.68 21.65 -7.41
CA VAL D 86 -4.38 20.91 -6.36
C VAL D 86 -5.28 21.86 -5.58
N GLU D 87 -6.46 21.38 -5.21
CA GLU D 87 -7.47 22.21 -4.53
C GLU D 87 -7.17 22.39 -3.04
N TYR D 88 -6.50 21.41 -2.45
CA TYR D 88 -6.01 21.48 -1.05
C TYR D 88 -7.06 21.87 0.00
CA CA E . -7.12 9.15 8.53
CA CA F . -15.33 13.10 24.16
CA CA G . 8.47 19.59 -19.18
CA CA H . 3.46 24.67 -2.53
#